data_9GZV
#
_entry.id   9GZV
#
_cell.length_a   62.989
_cell.length_b   98.578
_cell.length_c   168.783
_cell.angle_alpha   90.000
_cell.angle_beta   90.000
_cell.angle_gamma   90.000
#
_symmetry.space_group_name_H-M   'I 2 2 2'
#
loop_
_entity.id
_entity.type
_entity.pdbx_description
1 polymer 'Uridine diphosphate glucose pyrophosphatase NUDT14'
2 non-polymer 1-(1-methylpiperidin-4-yl)-3-(3-phenoxyphenyl)pyrazolo[3,4-d]pyrimidin-4-amine
3 non-polymer GLYCEROL
4 non-polymer 'ACETIC ACID'
5 non-polymer DI(HYDROXYETHYL)ETHER
6 non-polymer 'MAGNESIUM ION'
7 non-polymer 'DIMETHYL SULFOXIDE'
8 water water
#
_entity_poly.entity_id   1
_entity_poly.type   'polypeptide(L)'
_entity_poly.pdbx_seq_one_letter_code
;SMERIEGASVGRCAASPYLRPLTLHYRQNGAQKSWDFMKTHDSVTVLLFNSSRRSLVLVKQFRPAVYAGEVERRFPGSLA
AVDQDGPRELQPALPGSAGVTVELCAGLVDQPGLSLEEVACKEAWEECGYHLAPSDLRRVATYWSGVGLTGSRQTMFYTE
VTDAQRSGPGGGLVEEGELIEVVHLPLEGAQAFADDPDIPKTLGVIFGVSWFLSQVAPNLDLQ
;
_entity_poly.pdbx_strand_id   A,B
#
# COMPACT_ATOMS: atom_id res chain seq x y z
N SER A 1 -0.99 25.32 12.64
CA SER A 1 0.08 24.35 12.58
C SER A 1 -0.44 23.02 12.01
N MET A 2 0.43 22.33 11.26
CA MET A 2 0.05 21.04 10.70
C MET A 2 -0.24 20.01 11.78
N GLU A 3 0.52 20.04 12.87
CA GLU A 3 0.49 19.00 13.90
C GLU A 3 -0.43 19.33 15.05
N ARG A 4 -1.08 20.48 15.03
CA ARG A 4 -2.03 20.85 16.09
C ARG A 4 -3.41 20.39 15.63
N ILE A 5 -3.90 19.34 16.27
CA ILE A 5 -5.19 18.74 15.98
C ILE A 5 -6.02 18.81 17.26
N GLU A 6 -7.29 19.18 17.14
CA GLU A 6 -8.13 19.28 18.32
C GLU A 6 -9.50 18.67 18.04
N GLY A 7 -10.18 18.30 19.12
CA GLY A 7 -11.51 17.72 19.04
C GLY A 7 -11.61 16.41 18.30
N ALA A 8 -10.52 15.64 18.20
CA ALA A 8 -10.53 14.42 17.39
C ALA A 8 -11.64 13.48 17.86
N SER A 9 -12.44 13.00 16.91
CA SER A 9 -13.57 12.15 17.22
C SER A 9 -13.76 11.16 16.08
N VAL A 10 -14.39 10.03 16.38
CA VAL A 10 -14.70 9.02 15.37
C VAL A 10 -16.21 8.87 15.22
N GLY A 11 -16.68 8.78 13.98
CA GLY A 11 -18.08 8.59 13.71
C GLY A 11 -18.27 7.56 12.61
N ARG A 12 -19.54 7.22 12.39
CA ARG A 12 -19.91 6.33 11.30
C ARG A 12 -19.75 7.02 9.95
N CYS A 13 -19.56 6.20 8.93
CA CYS A 13 -19.40 6.68 7.56
C CYS A 13 -20.37 5.90 6.69
N ALA A 14 -21.52 6.53 6.38
CA ALA A 14 -22.59 5.86 5.66
C ALA A 14 -22.38 5.85 4.14
N ALA A 15 -21.75 6.90 3.61
CA ALA A 15 -21.43 6.98 2.19
C ALA A 15 -20.22 7.87 2.03
N SER A 16 -19.45 7.62 0.97
CA SER A 16 -18.25 8.41 0.76
C SER A 16 -17.82 8.29 -0.68
N PRO A 17 -17.35 9.37 -1.30
CA PRO A 17 -16.84 9.25 -2.67
C PRO A 17 -15.51 8.51 -2.77
N TYR A 18 -14.86 8.17 -1.66
CA TYR A 18 -13.50 7.64 -1.73
C TYR A 18 -13.42 6.15 -1.46
N LEU A 19 -14.35 5.61 -0.69
CA LEU A 19 -14.45 4.17 -0.45
C LEU A 19 -15.92 3.74 -0.56
N ARG A 20 -16.12 2.56 -1.15
CA ARG A 20 -17.46 2.01 -1.34
C ARG A 20 -17.34 0.51 -1.16
N PRO A 21 -17.70 0.00 0.01
CA PRO A 21 -17.57 -1.44 0.27
C PRO A 21 -18.51 -2.26 -0.60
N LEU A 22 -17.98 -3.38 -1.10
CA LEU A 22 -18.71 -4.35 -1.90
C LEU A 22 -18.30 -5.75 -1.46
N THR A 23 -19.02 -6.76 -1.94
CA THR A 23 -18.67 -8.16 -1.72
C THR A 23 -18.70 -8.86 -3.06
N LEU A 24 -17.61 -9.57 -3.39
CA LEU A 24 -17.56 -10.42 -4.59
C LEU A 24 -17.99 -11.82 -4.19
N HIS A 25 -18.99 -12.37 -4.89
CA HIS A 25 -19.44 -13.75 -4.73
C HIS A 25 -18.98 -14.53 -5.95
N TYR A 26 -18.42 -15.71 -5.72
CA TYR A 26 -17.79 -16.44 -6.82
C TYR A 26 -17.58 -17.89 -6.42
N ARG A 27 -17.51 -18.77 -7.42
CA ARG A 27 -17.14 -20.17 -7.20
C ARG A 27 -15.69 -20.37 -7.61
N GLN A 28 -14.90 -20.98 -6.72
CA GLN A 28 -13.49 -21.29 -6.99
C GLN A 28 -13.29 -22.78 -6.77
N ASN A 29 -12.95 -23.48 -7.85
CA ASN A 29 -12.92 -24.94 -7.86
C ASN A 29 -14.14 -25.52 -7.17
N GLY A 30 -15.32 -25.08 -7.62
CA GLY A 30 -16.57 -25.63 -7.14
C GLY A 30 -16.99 -25.23 -5.74
N ALA A 31 -16.19 -24.46 -5.03
CA ALA A 31 -16.58 -23.98 -3.70
C ALA A 31 -17.14 -22.57 -3.80
N GLN A 32 -18.25 -22.31 -3.13
CA GLN A 32 -18.87 -20.99 -3.14
C GLN A 32 -18.16 -20.12 -2.10
N LYS A 33 -17.69 -18.96 -2.53
CA LYS A 33 -16.91 -18.07 -1.67
C LYS A 33 -17.38 -16.63 -1.84
N SER A 34 -17.06 -15.82 -0.84
CA SER A 34 -17.35 -14.40 -0.87
C SER A 34 -16.14 -13.65 -0.32
N TRP A 35 -16.01 -12.38 -0.73
CA TRP A 35 -14.84 -11.62 -0.33
C TRP A 35 -15.19 -10.15 -0.21
N ASP A 36 -14.86 -9.54 0.92
CA ASP A 36 -15.21 -8.15 1.20
C ASP A 36 -14.09 -7.22 0.73
N PHE A 37 -14.45 -6.20 -0.04
CA PHE A 37 -13.46 -5.24 -0.52
C PHE A 37 -14.14 -3.88 -0.67
N MET A 38 -13.35 -2.91 -1.09
CA MET A 38 -13.86 -1.57 -1.33
C MET A 38 -13.35 -1.10 -2.68
N LYS A 39 -14.25 -0.50 -3.43
CA LYS A 39 -13.88 0.11 -4.71
C LYS A 39 -13.17 1.42 -4.42
N THR A 40 -12.00 1.62 -5.04
CA THR A 40 -11.23 2.83 -4.83
C THR A 40 -10.58 3.28 -6.13
N HIS A 41 -10.11 4.54 -6.15
CA HIS A 41 -9.41 5.06 -7.32
C HIS A 41 -7.99 4.49 -7.40
N ASP A 42 -7.47 4.43 -8.63
CA ASP A 42 -6.05 4.30 -8.87
C ASP A 42 -5.31 5.58 -8.45
N SER A 43 -3.98 5.51 -8.45
CA SER A 43 -3.22 6.68 -8.02
C SER A 43 -1.88 6.73 -8.76
N VAL A 44 -1.20 7.87 -8.62
CA VAL A 44 0.14 8.04 -9.13
C VAL A 44 1.00 8.65 -8.03
N THR A 45 2.29 8.35 -8.06
CA THR A 45 3.25 8.95 -7.15
C THR A 45 4.45 9.41 -7.98
N VAL A 46 5.22 10.35 -7.46
CA VAL A 46 6.36 10.81 -8.23
C VAL A 46 7.48 11.18 -7.27
N LEU A 47 8.64 10.59 -7.52
CA LEU A 47 9.85 10.94 -6.79
C LEU A 47 10.61 11.99 -7.58
N LEU A 48 10.93 13.12 -6.94
CA LEU A 48 11.76 14.15 -7.55
C LEU A 48 13.15 14.11 -6.92
N PHE A 49 14.19 14.21 -7.76
CA PHE A 49 15.56 14.41 -7.28
C PHE A 49 15.99 15.80 -7.71
N ASN A 50 16.16 16.71 -6.75
CA ASN A 50 16.64 18.06 -7.04
C ASN A 50 18.16 18.01 -7.14
N SER A 51 18.69 18.09 -8.36
CA SER A 51 20.13 17.96 -8.57
C SER A 51 20.89 19.21 -8.16
N SER A 52 20.24 20.38 -8.12
CA SER A 52 20.91 21.58 -7.64
C SER A 52 21.31 21.43 -6.18
N ARG A 53 20.45 20.81 -5.38
CA ARG A 53 20.66 20.64 -3.95
C ARG A 53 21.17 19.26 -3.61
N ARG A 54 21.12 18.33 -4.56
CA ARG A 54 21.41 16.92 -4.31
C ARG A 54 20.51 16.39 -3.20
N SER A 55 19.20 16.62 -3.37
CA SER A 55 18.20 16.16 -2.40
C SER A 55 17.00 15.56 -3.11
N LEU A 56 16.40 14.55 -2.48
CA LEU A 56 15.10 14.04 -2.90
C LEU A 56 13.99 14.95 -2.37
N VAL A 57 12.90 15.06 -3.14
CA VAL A 57 11.78 15.91 -2.77
C VAL A 57 10.63 15.02 -2.31
N LEU A 58 10.18 15.22 -1.08
CA LEU A 58 9.11 14.46 -0.45
C LEU A 58 8.10 15.44 0.15
N VAL A 59 6.96 14.91 0.63
CA VAL A 59 5.93 15.75 1.23
C VAL A 59 5.55 15.19 2.60
N LYS A 60 5.19 16.11 3.49
CA LYS A 60 4.83 15.80 4.85
C LYS A 60 3.47 16.45 5.09
N GLN A 61 2.55 15.70 5.70
CA GLN A 61 1.20 16.20 5.92
C GLN A 61 0.51 15.31 6.94
N PHE A 62 -0.52 15.87 7.58
CA PHE A 62 -1.36 15.11 8.52
C PHE A 62 -2.26 14.15 7.76
N ARG A 63 -2.20 12.87 8.11
CA ARG A 63 -3.04 11.87 7.49
C ARG A 63 -4.06 11.37 8.52
N PRO A 64 -5.34 11.76 8.41
CA PRO A 64 -6.32 11.34 9.43
C PRO A 64 -6.39 9.83 9.64
N ALA A 65 -6.33 9.03 8.58
CA ALA A 65 -6.42 7.59 8.75
C ALA A 65 -5.20 7.04 9.50
N VAL A 66 -4.02 7.61 9.23
CA VAL A 66 -2.83 7.21 9.98
C VAL A 66 -2.99 7.60 11.44
N TYR A 67 -3.49 8.82 11.69
CA TYR A 67 -3.69 9.26 13.07
C TYR A 67 -4.62 8.30 13.82
N ALA A 68 -5.74 7.93 13.19
CA ALA A 68 -6.69 7.04 13.86
C ALA A 68 -6.05 5.68 14.13
N GLY A 69 -5.30 5.15 13.15
CA GLY A 69 -4.66 3.86 13.36
C GLY A 69 -3.67 3.89 14.51
N GLU A 70 -2.96 5.01 14.68
CA GLU A 70 -2.00 5.16 15.76
C GLU A 70 -2.69 5.34 17.12
N VAL A 71 -3.79 6.08 17.16
CA VAL A 71 -4.56 6.12 18.40
C VAL A 71 -5.00 4.72 18.78
N GLU A 72 -5.44 3.93 17.80
CA GLU A 72 -5.91 2.58 18.08
C GLU A 72 -4.76 1.68 18.56
N ARG A 73 -3.57 1.83 17.95
CA ARG A 73 -2.41 1.07 18.44
C ARG A 73 -2.12 1.36 19.90
N ARG A 74 -2.08 2.64 20.28
CA ARG A 74 -1.68 2.95 21.65
C ARG A 74 -2.84 2.84 22.63
N PHE A 75 -4.07 2.92 22.15
CA PHE A 75 -5.26 2.82 23.01
C PHE A 75 -6.27 1.91 22.35
N PRO A 76 -6.03 0.60 22.42
CA PRO A 76 -6.94 -0.37 21.79
C PRO A 76 -8.38 -0.10 22.21
N GLY A 77 -9.30 -0.25 21.26
CA GLY A 77 -10.69 0.09 21.50
C GLY A 77 -11.09 1.51 21.14
N SER A 78 -10.12 2.36 20.73
CA SER A 78 -10.47 3.71 20.28
C SER A 78 -11.41 3.68 19.10
N LEU A 79 -11.28 2.68 18.24
CA LEU A 79 -12.09 2.58 17.03
C LEU A 79 -13.20 1.56 17.19
N ALA A 80 -13.66 1.36 18.42
CA ALA A 80 -14.85 0.55 18.67
C ALA A 80 -16.03 1.06 17.85
N ALA A 81 -16.93 0.13 17.50
CA ALA A 81 -18.14 0.45 16.75
C ALA A 81 -18.79 1.73 17.26
N VAL A 82 -19.18 2.60 16.33
CA VAL A 82 -19.84 3.85 16.68
C VAL A 82 -21.33 3.52 16.71
N ASP A 83 -21.81 3.19 17.90
CA ASP A 83 -23.20 2.79 18.10
C ASP A 83 -23.99 3.96 18.68
N GLN A 84 -24.05 5.04 17.91
CA GLN A 84 -24.63 6.29 18.40
C GLN A 84 -24.80 7.25 17.24
N ASP A 85 -25.73 8.19 17.42
CA ASP A 85 -25.83 9.31 16.50
C ASP A 85 -24.68 10.27 16.75
N GLY A 86 -23.95 10.61 15.69
CA GLY A 86 -22.88 11.56 15.77
C GLY A 86 -21.57 10.99 16.30
N PRO A 87 -20.49 11.74 16.05
CA PRO A 87 -19.15 11.30 16.41
C PRO A 87 -18.97 11.10 17.92
N ARG A 88 -17.98 10.27 18.24
CA ARG A 88 -17.56 9.97 19.60
C ARG A 88 -16.16 10.52 19.81
N GLU A 89 -16.02 11.41 20.77
CA GLU A 89 -14.72 12.00 21.03
C GLU A 89 -13.73 10.96 21.53
N LEU A 90 -12.49 11.01 21.01
CA LEU A 90 -11.45 10.12 21.49
C LEU A 90 -11.02 10.50 22.90
N GLN A 91 -10.95 9.50 23.79
CA GLN A 91 -10.56 9.71 25.19
C GLN A 91 -9.56 8.62 25.57
N PRO A 92 -8.26 8.87 25.46
CA PRO A 92 -7.58 10.12 25.10
C PRO A 92 -7.31 10.25 23.61
N ALA A 93 -7.05 11.47 23.14
CA ALA A 93 -6.51 11.73 21.81
C ALA A 93 -4.98 11.65 21.87
N LEU A 94 -4.36 11.45 20.71
CA LEU A 94 -2.91 11.62 20.66
C LEU A 94 -2.59 13.00 20.11
N PRO A 95 -1.37 13.49 20.30
CA PRO A 95 -0.94 14.68 19.56
C PRO A 95 -1.12 14.46 18.07
N GLY A 96 -1.44 15.55 17.36
CA GLY A 96 -1.56 15.47 15.91
C GLY A 96 -0.30 15.00 15.21
N SER A 97 0.86 15.15 15.84
CA SER A 97 2.09 14.63 15.25
C SER A 97 2.00 13.14 14.99
N ALA A 98 1.11 12.43 15.69
CA ALA A 98 0.95 11.00 15.47
C ALA A 98 0.41 10.68 14.09
N GLY A 99 -0.25 11.63 13.41
CA GLY A 99 -0.74 11.39 12.06
C GLY A 99 0.10 11.99 10.95
N VAL A 100 1.23 12.62 11.27
CA VAL A 100 2.04 13.27 10.25
C VAL A 100 2.91 12.23 9.58
N THR A 101 2.80 12.11 8.25
CA THR A 101 3.58 11.13 7.51
C THR A 101 4.58 11.84 6.61
N VAL A 102 5.51 11.07 6.08
CA VAL A 102 6.37 11.53 4.99
C VAL A 102 6.07 10.63 3.80
N GLU A 103 5.78 11.25 2.66
CA GLU A 103 5.29 10.49 1.52
C GLU A 103 5.98 10.99 0.28
N LEU A 104 5.86 10.23 -0.80
CA LEU A 104 6.14 10.78 -2.11
C LEU A 104 5.00 11.71 -2.50
N CYS A 105 5.30 12.68 -3.34
CA CYS A 105 4.26 13.44 -3.99
C CYS A 105 3.31 12.47 -4.71
N ALA A 106 1.99 12.67 -4.53
CA ALA A 106 1.03 11.65 -4.98
C ALA A 106 -0.37 12.23 -5.14
N GLY A 107 -1.16 11.59 -6.00
CA GLY A 107 -2.55 11.98 -6.17
C GLY A 107 -3.38 10.88 -6.77
N LEU A 108 -4.70 11.03 -6.61
CA LEU A 108 -5.65 10.07 -7.15
C LEU A 108 -5.79 10.26 -8.66
N VAL A 109 -6.00 9.15 -9.36
CA VAL A 109 -6.39 9.21 -10.77
C VAL A 109 -7.89 9.47 -10.79
N ASP A 110 -8.27 10.74 -10.60
CA ASP A 110 -9.66 11.19 -10.58
C ASP A 110 -9.83 12.45 -11.42
N GLN A 111 -8.98 12.67 -12.42
CA GLN A 111 -8.96 13.88 -13.23
C GLN A 111 -9.34 13.54 -14.66
N PRO A 112 -10.59 13.75 -15.07
CA PRO A 112 -11.03 13.31 -16.40
C PRO A 112 -10.18 13.92 -17.51
N GLY A 113 -9.65 13.05 -18.38
CA GLY A 113 -8.84 13.46 -19.51
C GLY A 113 -7.34 13.52 -19.28
N LEU A 114 -6.89 13.76 -18.05
CA LEU A 114 -5.46 13.85 -17.78
C LEU A 114 -4.81 12.46 -17.88
N SER A 115 -3.62 12.42 -18.45
CA SER A 115 -2.86 11.18 -18.40
C SER A 115 -2.26 10.98 -17.01
N LEU A 116 -1.80 9.76 -16.73
CA LEU A 116 -1.12 9.48 -15.47
C LEU A 116 0.04 10.44 -15.26
N GLU A 117 0.86 10.65 -16.30
CA GLU A 117 1.96 11.59 -16.18
C GLU A 117 1.49 12.99 -15.84
N GLU A 118 0.41 13.44 -16.49
CA GLU A 118 -0.08 14.79 -16.23
C GLU A 118 -0.61 14.93 -14.81
N VAL A 119 -1.27 13.89 -14.29
CA VAL A 119 -1.67 13.91 -12.88
C VAL A 119 -0.44 14.07 -12.00
N ALA A 120 0.62 13.30 -12.29
CA ALA A 120 1.88 13.43 -11.55
C ALA A 120 2.42 14.86 -11.62
N CYS A 121 2.43 15.46 -12.81
CA CYS A 121 2.87 16.85 -12.95
C CYS A 121 1.98 17.81 -12.16
N LYS A 122 0.66 17.59 -12.17
CA LYS A 122 -0.22 18.46 -11.41
C LYS A 122 0.08 18.39 -9.92
N GLU A 123 0.29 17.19 -9.39
CA GLU A 123 0.57 17.07 -7.96
C GLU A 123 1.92 17.69 -7.60
N ALA A 124 2.94 17.46 -8.42
CA ALA A 124 4.25 18.08 -8.16
C ALA A 124 4.15 19.60 -8.14
N TRP A 125 3.32 20.17 -9.01
CA TRP A 125 3.11 21.62 -8.98
C TRP A 125 2.35 22.04 -7.73
N GLU A 126 1.19 21.44 -7.50
CA GLU A 126 0.32 21.87 -6.42
C GLU A 126 0.89 21.55 -5.05
N GLU A 127 1.57 20.41 -4.89
CA GLU A 127 2.08 20.05 -3.57
C GLU A 127 3.49 20.59 -3.32
N CYS A 128 4.34 20.63 -4.34
CA CYS A 128 5.75 20.93 -4.15
C CYS A 128 6.22 22.21 -4.81
N GLY A 129 5.43 22.80 -5.70
CA GLY A 129 5.90 23.97 -6.41
C GLY A 129 6.85 23.72 -7.56
N TYR A 130 7.00 22.47 -8.03
CA TYR A 130 7.90 22.17 -9.13
C TYR A 130 7.13 22.07 -10.44
N HIS A 131 7.61 22.79 -11.46
CA HIS A 131 7.02 22.76 -12.80
C HIS A 131 7.71 21.65 -13.59
N LEU A 132 6.93 20.66 -14.01
CA LEU A 132 7.44 19.52 -14.78
C LEU A 132 6.68 19.38 -16.09
N ALA A 133 7.37 18.85 -17.11
CA ALA A 133 6.66 18.37 -18.30
C ALA A 133 6.45 16.87 -18.22
N PRO A 134 5.33 16.34 -18.72
CA PRO A 134 5.15 14.88 -18.75
C PRO A 134 6.34 14.10 -19.30
N SER A 135 6.98 14.57 -20.38
CA SER A 135 8.11 13.81 -20.91
C SER A 135 9.33 13.87 -20.01
N ASP A 136 9.36 14.76 -19.01
CA ASP A 136 10.42 14.72 -18.01
C ASP A 136 10.37 13.45 -17.16
N LEU A 137 9.21 12.80 -17.08
CA LEU A 137 8.97 11.71 -16.15
C LEU A 137 9.41 10.37 -16.72
N ARG A 138 10.01 9.55 -15.86
N ARG A 138 9.98 9.55 -15.85
CA ARG A 138 10.31 8.16 -16.14
CA ARG A 138 10.31 8.16 -16.13
C ARG A 138 9.38 7.27 -15.33
C ARG A 138 9.38 7.27 -15.32
N ARG A 139 8.75 6.29 -15.97
CA ARG A 139 7.91 5.34 -15.25
C ARG A 139 8.80 4.37 -14.49
N VAL A 140 8.70 4.36 -13.16
CA VAL A 140 9.54 3.46 -12.35
C VAL A 140 8.89 2.08 -12.20
N ALA A 141 7.61 2.04 -11.86
CA ALA A 141 6.93 0.78 -11.59
C ALA A 141 5.43 1.01 -11.57
N THR A 142 4.69 -0.02 -11.94
CA THR A 142 3.24 -0.05 -11.74
C THR A 142 2.91 -1.32 -10.97
N TYR A 143 1.93 -1.24 -10.07
CA TYR A 143 1.69 -2.35 -9.16
C TYR A 143 0.33 -2.18 -8.50
N TRP A 144 -0.13 -3.25 -7.86
CA TRP A 144 -1.37 -3.21 -7.08
C TRP A 144 -1.05 -2.75 -5.68
N SER A 145 -1.82 -1.79 -5.18
CA SER A 145 -1.71 -1.33 -3.79
C SER A 145 -2.87 -1.90 -2.98
N GLY A 146 -2.57 -2.65 -1.93
CA GLY A 146 -3.62 -3.25 -1.12
C GLY A 146 -4.47 -4.32 -1.80
N VAL A 147 -3.83 -5.42 -2.21
CA VAL A 147 -4.53 -6.52 -2.90
C VAL A 147 -5.56 -7.22 -2.04
N GLY A 148 -5.49 -7.10 -0.72
CA GLY A 148 -6.44 -7.79 0.12
C GLY A 148 -7.78 -7.10 0.16
N LEU A 149 -7.78 -5.77 0.05
CA LEU A 149 -8.98 -4.98 0.30
C LEU A 149 -9.41 -4.09 -0.86
N THR A 150 -8.58 -3.90 -1.88
CA THR A 150 -9.01 -3.11 -3.00
C THR A 150 -8.29 -3.55 -4.26
N GLY A 151 -8.84 -3.20 -5.40
CA GLY A 151 -8.17 -3.53 -6.63
C GLY A 151 -7.70 -2.29 -7.36
N SER A 152 -6.93 -1.44 -6.70
CA SER A 152 -6.43 -0.22 -7.32
C SER A 152 -4.98 -0.37 -7.72
N ARG A 153 -4.62 0.29 -8.81
CA ARG A 153 -3.26 0.34 -9.33
C ARG A 153 -2.60 1.64 -8.89
N GLN A 154 -1.30 1.58 -8.69
CA GLN A 154 -0.52 2.80 -8.46
C GLN A 154 0.66 2.78 -9.42
N THR A 155 0.95 3.93 -10.01
CA THR A 155 2.08 4.06 -10.90
C THR A 155 3.03 5.12 -10.36
N MET A 156 4.28 4.74 -10.20
CA MET A 156 5.30 5.62 -9.64
C MET A 156 6.17 6.15 -10.77
N PHE A 157 6.44 7.46 -10.75
CA PHE A 157 7.30 8.10 -11.72
C PHE A 157 8.52 8.69 -11.00
N TYR A 158 9.51 9.04 -11.80
CA TYR A 158 10.73 9.66 -11.32
C TYR A 158 11.13 10.79 -12.27
N THR A 159 11.60 11.90 -11.70
CA THR A 159 12.19 12.92 -12.55
C THR A 159 13.25 13.69 -11.75
N GLU A 160 14.28 14.12 -12.46
CA GLU A 160 15.26 15.04 -11.92
C GLU A 160 14.81 16.48 -12.14
N VAL A 161 14.96 17.34 -11.13
CA VAL A 161 14.60 18.74 -11.25
C VAL A 161 15.78 19.59 -10.80
N THR A 162 15.69 20.89 -11.11
CA THR A 162 16.66 21.89 -10.65
C THR A 162 15.94 22.93 -9.81
N ASP A 163 16.74 23.74 -9.11
CA ASP A 163 16.17 24.80 -8.27
C ASP A 163 15.28 25.74 -9.09
N ALA A 164 15.65 26.02 -10.34
CA ALA A 164 14.90 26.94 -11.19
C ALA A 164 13.48 26.45 -11.44
N GLN A 165 13.23 25.14 -11.34
CA GLN A 165 11.92 24.57 -11.57
C GLN A 165 11.00 24.70 -10.37
N ARG A 166 11.52 25.05 -9.21
CA ARG A 166 10.67 25.26 -8.02
C ARG A 166 10.14 26.69 -8.03
N SER A 167 9.21 26.93 -8.95
CA SER A 167 8.71 28.28 -9.19
C SER A 167 7.39 28.56 -8.51
N GLY A 168 6.80 27.56 -7.84
CA GLY A 168 5.54 27.78 -7.17
C GLY A 168 5.63 27.68 -5.67
N PRO A 169 4.58 28.12 -4.97
CA PRO A 169 4.59 28.02 -3.49
C PRO A 169 4.42 26.59 -2.97
N GLY A 170 3.87 25.67 -3.76
CA GLY A 170 3.58 24.35 -3.20
C GLY A 170 2.61 24.45 -2.02
N GLY A 171 2.59 23.40 -1.21
CA GLY A 171 1.78 23.38 -0.01
C GLY A 171 0.36 22.88 -0.17
N GLY A 172 -0.04 22.49 -1.39
CA GLY A 172 -1.39 22.03 -1.62
C GLY A 172 -2.34 23.18 -1.85
N LEU A 173 -3.59 22.83 -2.09
CA LEU A 173 -4.62 23.82 -2.43
C LEU A 173 -5.14 24.43 -1.13
N VAL A 174 -4.86 25.73 -0.92
CA VAL A 174 -5.23 26.39 0.34
C VAL A 174 -6.74 26.36 0.53
N GLU A 175 -7.49 26.73 -0.51
CA GLU A 175 -8.94 26.80 -0.39
C GLU A 175 -9.53 25.47 0.03
N GLU A 176 -8.94 24.36 -0.42
CA GLU A 176 -9.45 23.03 -0.12
C GLU A 176 -8.90 22.46 1.18
N GLY A 177 -8.37 23.32 2.05
CA GLY A 177 -8.01 22.91 3.40
C GLY A 177 -6.86 21.94 3.46
N GLU A 178 -5.93 22.03 2.51
CA GLU A 178 -4.73 21.22 2.53
C GLU A 178 -3.59 22.01 3.13
N LEU A 179 -2.75 21.32 3.89
CA LEU A 179 -1.56 21.91 4.49
C LEU A 179 -0.45 20.87 4.33
N ILE A 180 0.39 21.07 3.32
CA ILE A 180 1.44 20.13 2.97
C ILE A 180 2.76 20.86 3.07
N GLU A 181 3.76 20.21 3.67
CA GLU A 181 5.10 20.76 3.78
C GLU A 181 6.01 20.02 2.81
N VAL A 182 6.79 20.78 2.03
CA VAL A 182 7.76 20.18 1.13
C VAL A 182 9.00 19.83 1.93
N VAL A 183 9.47 18.59 1.77
CA VAL A 183 10.66 18.09 2.44
C VAL A 183 11.73 17.88 1.38
N HIS A 184 12.90 18.46 1.61
CA HIS A 184 14.08 18.21 0.79
C HIS A 184 15.03 17.36 1.62
N LEU A 185 15.24 16.13 1.18
CA LEU A 185 15.99 15.11 1.90
C LEU A 185 17.40 14.99 1.31
N PRO A 186 18.44 15.55 1.95
CA PRO A 186 19.79 15.43 1.40
C PRO A 186 20.14 13.98 1.10
N LEU A 187 20.81 13.76 -0.03
CA LEU A 187 21.13 12.38 -0.42
C LEU A 187 21.97 11.67 0.64
N GLU A 188 22.84 12.42 1.34
CA GLU A 188 23.76 11.76 2.26
C GLU A 188 23.01 11.17 3.44
N GLY A 189 21.89 11.75 3.82
CA GLY A 189 21.05 11.25 4.88
C GLY A 189 19.88 10.39 4.46
N ALA A 190 19.78 10.04 3.17
CA ALA A 190 18.53 9.49 2.64
C ALA A 190 18.28 8.07 3.14
N GLN A 191 19.30 7.21 3.11
CA GLN A 191 19.07 5.82 3.49
C GLN A 191 18.79 5.71 4.99
N ALA A 192 19.53 6.47 5.80
CA ALA A 192 19.27 6.50 7.24
C ALA A 192 17.85 6.99 7.52
N PHE A 193 17.44 8.06 6.85
CA PHE A 193 16.07 8.53 6.95
C PHE A 193 15.08 7.40 6.68
N ALA A 194 15.26 6.68 5.57
CA ALA A 194 14.30 5.63 5.22
C ALA A 194 14.30 4.49 6.25
N ASP A 195 15.48 4.10 6.74
CA ASP A 195 15.60 2.98 7.66
C ASP A 195 15.07 3.30 9.05
N ASP A 196 14.99 4.58 9.41
CA ASP A 196 14.64 5.01 10.76
C ASP A 196 13.15 4.81 11.03
N PRO A 197 12.76 3.88 11.92
CA PRO A 197 11.34 3.61 12.15
C PRO A 197 10.62 4.66 12.99
N ASP A 198 11.31 5.70 13.44
CA ASP A 198 10.65 6.77 14.17
C ASP A 198 10.00 7.82 13.27
N ILE A 199 10.21 7.73 11.96
CA ILE A 199 9.60 8.64 10.99
C ILE A 199 8.53 7.84 10.24
N PRO A 200 7.24 8.13 10.43
CA PRO A 200 6.19 7.38 9.72
C PRO A 200 6.24 7.70 8.25
N LYS A 201 6.38 6.66 7.42
CA LYS A 201 6.53 6.84 5.99
C LYS A 201 5.88 5.66 5.30
N THR A 202 5.76 5.79 3.99
CA THR A 202 5.12 4.80 3.13
C THR A 202 6.18 3.92 2.50
N LEU A 203 5.74 2.75 2.02
CA LEU A 203 6.66 1.91 1.26
C LEU A 203 7.16 2.64 0.01
N GLY A 204 6.36 3.55 -0.55
CA GLY A 204 6.81 4.30 -1.72
C GLY A 204 8.07 5.13 -1.43
N VAL A 205 8.15 5.69 -0.23
CA VAL A 205 9.34 6.46 0.13
C VAL A 205 10.53 5.53 0.28
N ILE A 206 10.35 4.44 1.03
CA ILE A 206 11.45 3.51 1.28
C ILE A 206 11.94 2.92 -0.02
N PHE A 207 11.02 2.51 -0.89
CA PHE A 207 11.41 1.97 -2.18
C PHE A 207 12.02 3.05 -3.06
N GLY A 208 11.43 4.24 -3.07
CA GLY A 208 12.00 5.32 -3.87
C GLY A 208 13.43 5.64 -3.49
N VAL A 209 13.73 5.63 -2.19
CA VAL A 209 15.09 5.89 -1.76
C VAL A 209 16.01 4.75 -2.18
N SER A 210 15.58 3.52 -1.90
CA SER A 210 16.40 2.37 -2.26
C SER A 210 16.64 2.32 -3.77
N TRP A 211 15.58 2.48 -4.55
CA TRP A 211 15.68 2.43 -6.02
C TRP A 211 16.56 3.54 -6.56
N PHE A 212 16.43 4.75 -6.01
CA PHE A 212 17.21 5.86 -6.53
C PHE A 212 18.70 5.63 -6.26
N LEU A 213 19.02 5.21 -5.03
CA LEU A 213 20.41 5.05 -4.63
C LEU A 213 21.09 3.94 -5.40
N SER A 214 20.37 2.88 -5.77
CA SER A 214 21.02 1.79 -6.48
C SER A 214 20.87 1.87 -8.01
N GLN A 215 19.84 2.54 -8.53
CA GLN A 215 19.64 2.56 -9.97
C GLN A 215 19.99 3.89 -10.65
N VAL A 216 19.93 5.01 -9.95
CA VAL A 216 20.15 6.31 -10.57
C VAL A 216 21.43 6.97 -10.07
N ALA A 217 21.58 7.10 -8.76
CA ALA A 217 22.71 7.83 -8.21
C ALA A 217 24.07 7.36 -8.68
N PRO A 218 24.33 6.04 -8.90
CA PRO A 218 25.64 5.66 -9.47
C PRO A 218 25.91 6.25 -10.85
N ASN A 219 24.89 6.42 -11.68
CA ASN A 219 25.05 6.99 -13.01
C ASN A 219 25.05 8.53 -13.01
N LEU A 220 25.33 9.13 -11.86
CA LEU A 220 25.57 10.56 -11.77
C LEU A 220 26.92 10.86 -11.12
N ASP A 221 27.54 9.88 -10.46
CA ASP A 221 28.70 10.07 -9.58
C ASP A 221 29.88 10.73 -10.27
N MET B 2 -6.95 -22.75 -8.95
CA MET B 2 -7.13 -21.45 -8.30
C MET B 2 -7.60 -20.38 -9.28
N GLU B 3 -7.28 -20.54 -10.57
CA GLU B 3 -7.63 -19.56 -11.59
C GLU B 3 -8.97 -19.85 -12.25
N ARG B 4 -9.68 -20.88 -11.78
CA ARG B 4 -10.95 -21.32 -12.35
C ARG B 4 -12.05 -20.65 -11.53
N ILE B 5 -12.43 -19.45 -11.94
CA ILE B 5 -13.40 -18.64 -11.22
C ILE B 5 -14.69 -18.63 -12.04
N GLU B 6 -15.82 -18.96 -11.40
CA GLU B 6 -17.09 -19.10 -12.09
C GLU B 6 -18.15 -18.26 -11.40
N GLY B 7 -19.10 -17.77 -12.21
CA GLY B 7 -20.29 -17.10 -11.69
C GLY B 7 -20.00 -15.91 -10.79
N ALA B 8 -19.00 -15.10 -11.13
CA ALA B 8 -18.65 -13.94 -10.32
C ALA B 8 -19.80 -12.94 -10.32
N SER B 9 -20.08 -12.38 -9.13
CA SER B 9 -21.19 -11.46 -8.94
C SER B 9 -20.83 -10.45 -7.86
N VAL B 10 -21.45 -9.27 -7.94
CA VAL B 10 -21.23 -8.18 -7.00
C VAL B 10 -22.45 -8.05 -6.11
N GLY B 11 -22.24 -8.10 -4.78
CA GLY B 11 -23.29 -7.87 -3.82
C GLY B 11 -22.92 -6.76 -2.85
N ARG B 12 -23.82 -6.52 -1.90
CA ARG B 12 -23.59 -5.48 -0.90
C ARG B 12 -22.73 -6.02 0.25
N CYS B 13 -22.11 -5.11 0.98
CA CYS B 13 -21.29 -5.47 2.14
C CYS B 13 -21.63 -4.57 3.33
N ALA B 14 -22.61 -5.00 4.13
CA ALA B 14 -23.05 -4.20 5.26
C ALA B 14 -22.04 -4.24 6.41
N ALA B 15 -21.65 -5.45 6.84
CA ALA B 15 -20.67 -5.62 7.90
C ALA B 15 -19.57 -6.56 7.44
N SER B 16 -18.36 -6.33 7.94
CA SER B 16 -17.22 -7.13 7.58
C SER B 16 -16.21 -7.07 8.71
N PRO B 17 -15.59 -8.19 9.07
CA PRO B 17 -14.52 -8.15 10.08
C PRO B 17 -13.19 -7.61 9.55
N TYR B 18 -13.13 -7.20 8.28
CA TYR B 18 -11.88 -6.76 7.65
C TYR B 18 -11.84 -5.28 7.32
N LEU B 19 -13.01 -4.67 7.11
CA LEU B 19 -13.09 -3.24 6.79
C LEU B 19 -14.31 -2.67 7.46
N ARG B 20 -14.12 -1.58 8.20
CA ARG B 20 -15.21 -0.90 8.89
C ARG B 20 -15.09 0.57 8.54
N PRO B 21 -16.04 1.13 7.80
CA PRO B 21 -15.90 2.53 7.37
C PRO B 21 -16.17 3.48 8.53
N LEU B 22 -15.26 4.43 8.71
CA LEU B 22 -15.35 5.41 9.77
C LEU B 22 -15.02 6.78 9.19
N THR B 23 -15.32 7.81 9.98
CA THR B 23 -14.99 9.18 9.64
C THR B 23 -14.30 9.78 10.86
N LEU B 24 -13.07 10.28 10.67
CA LEU B 24 -12.41 11.08 11.70
C LEU B 24 -12.90 12.52 11.57
N HIS B 25 -13.32 13.09 12.69
CA HIS B 25 -13.73 14.48 12.79
C HIS B 25 -12.70 15.21 13.63
N TYR B 26 -12.18 16.33 13.11
CA TYR B 26 -11.11 16.99 13.84
C TYR B 26 -11.05 18.45 13.40
N ARG B 27 -10.43 19.26 14.25
CA ARG B 27 -10.17 20.66 13.98
C ARG B 27 -8.67 20.85 13.75
N GLN B 28 -8.30 21.48 12.64
CA GLN B 28 -6.93 21.82 12.31
C GLN B 28 -6.92 23.26 11.80
N ASN B 29 -5.97 24.06 12.29
CA ASN B 29 -5.92 25.51 12.06
C ASN B 29 -7.21 26.21 12.46
N GLY B 30 -7.98 25.63 13.39
CA GLY B 30 -9.28 26.14 13.76
C GLY B 30 -10.43 25.74 12.85
N ALA B 31 -10.15 25.16 11.69
CA ALA B 31 -11.18 24.71 10.75
C ALA B 31 -11.62 23.30 11.10
N GLN B 32 -12.94 23.09 11.06
CA GLN B 32 -13.52 21.77 11.25
C GLN B 32 -13.37 20.92 9.99
N LYS B 33 -12.79 19.74 10.13
CA LYS B 33 -12.54 18.85 9.00
C LYS B 33 -13.08 17.46 9.31
N SER B 34 -13.20 16.63 8.28
CA SER B 34 -13.60 15.24 8.45
C SER B 34 -12.94 14.41 7.35
N TRP B 35 -12.72 13.13 7.63
CA TRP B 35 -12.00 12.29 6.69
C TRP B 35 -12.55 10.88 6.76
N ASP B 36 -12.82 10.28 5.61
CA ASP B 36 -13.38 8.93 5.58
C ASP B 36 -12.26 7.93 5.45
N PHE B 37 -12.35 6.85 6.20
CA PHE B 37 -11.32 5.82 6.12
C PHE B 37 -11.93 4.49 6.54
N MET B 38 -11.13 3.44 6.40
CA MET B 38 -11.51 2.09 6.81
C MET B 38 -10.62 1.67 7.95
N LYS B 39 -11.22 1.15 9.02
CA LYS B 39 -10.45 0.50 10.07
C LYS B 39 -10.02 -0.88 9.56
N THR B 40 -8.73 -1.18 9.63
CA THR B 40 -8.21 -2.44 9.13
C THR B 40 -7.11 -2.93 10.06
N HIS B 41 -6.76 -4.21 9.89
CA HIS B 41 -5.66 -4.81 10.63
C HIS B 41 -4.31 -4.37 10.06
N ASP B 42 -3.32 -4.34 10.95
CA ASP B 42 -1.91 -4.29 10.54
C ASP B 42 -1.52 -5.62 9.89
N SER B 43 -0.31 -5.69 9.34
CA SER B 43 0.11 -6.91 8.67
C SER B 43 1.63 -7.05 8.70
N VAL B 44 2.10 -8.25 8.37
CA VAL B 44 3.53 -8.55 8.25
C VAL B 44 3.72 -9.28 6.93
N THR B 45 4.90 -9.07 6.33
CA THR B 45 5.30 -9.78 5.11
C THR B 45 6.70 -10.33 5.33
N VAL B 46 7.05 -11.42 4.64
CA VAL B 46 8.36 -12.05 4.78
C VAL B 46 8.91 -12.33 3.40
N LEU B 47 10.10 -11.78 3.11
CA LEU B 47 10.90 -12.21 1.97
C LEU B 47 11.85 -13.30 2.44
N LEU B 48 11.82 -14.44 1.77
CA LEU B 48 12.72 -15.55 2.09
C LEU B 48 13.67 -15.73 0.92
N PHE B 49 14.96 -15.88 1.21
CA PHE B 49 15.96 -16.29 0.22
C PHE B 49 16.38 -17.70 0.57
N ASN B 50 16.08 -18.66 -0.31
CA ASN B 50 16.49 -20.04 -0.13
C ASN B 50 17.83 -20.19 -0.86
N SER B 51 18.92 -20.28 -0.07
CA SER B 51 20.24 -20.34 -0.65
C SER B 51 20.55 -21.71 -1.24
N SER B 52 19.86 -22.77 -0.80
CA SER B 52 20.05 -24.07 -1.46
C SER B 52 19.69 -23.99 -2.92
N ARG B 53 18.66 -23.23 -3.25
CA ARG B 53 18.18 -23.11 -4.61
C ARG B 53 18.58 -21.79 -5.25
N ARG B 54 19.19 -20.88 -4.48
CA ARG B 54 19.46 -19.50 -4.89
C ARG B 54 18.23 -18.87 -5.53
N SER B 55 17.14 -18.85 -4.74
CA SER B 55 15.83 -18.39 -5.21
C SER B 55 15.13 -17.61 -4.12
N LEU B 56 14.37 -16.60 -4.53
CA LEU B 56 13.48 -15.87 -3.62
C LEU B 56 12.13 -16.57 -3.57
N VAL B 57 11.57 -16.72 -2.36
CA VAL B 57 10.31 -17.45 -2.17
C VAL B 57 9.17 -16.44 -2.18
N LEU B 58 8.23 -16.59 -3.13
CA LEU B 58 7.04 -15.75 -3.28
C LEU B 58 5.79 -16.60 -3.29
N VAL B 59 4.61 -15.97 -3.29
CA VAL B 59 3.34 -16.71 -3.32
C VAL B 59 2.42 -16.14 -4.39
N LYS B 60 1.62 -17.03 -4.97
CA LYS B 60 0.70 -16.71 -6.05
C LYS B 60 -0.68 -17.20 -5.65
N GLN B 61 -1.71 -16.37 -5.87
CA GLN B 61 -3.05 -16.68 -5.37
C GLN B 61 -4.06 -15.75 -6.03
N PHE B 62 -5.33 -16.17 -6.01
CA PHE B 62 -6.43 -15.35 -6.51
C PHE B 62 -6.77 -14.27 -5.50
N ARG B 63 -6.85 -13.03 -5.96
CA ARG B 63 -7.22 -11.90 -5.11
C ARG B 63 -8.55 -11.33 -5.59
N PRO B 64 -9.66 -11.60 -4.91
CA PRO B 64 -10.96 -11.12 -5.41
C PRO B 64 -11.02 -9.63 -5.69
N ALA B 65 -10.49 -8.78 -4.80
CA ALA B 65 -10.55 -7.34 -5.06
C ALA B 65 -9.75 -6.94 -6.29
N VAL B 66 -8.61 -7.57 -6.52
CA VAL B 66 -7.85 -7.31 -7.74
C VAL B 66 -8.67 -7.72 -8.96
N TYR B 67 -9.31 -8.90 -8.88
CA TYR B 67 -10.19 -9.34 -9.95
C TYR B 67 -11.27 -8.32 -10.23
N ALA B 68 -11.96 -7.86 -9.18
CA ALA B 68 -13.03 -6.89 -9.39
C ALA B 68 -12.51 -5.62 -10.02
N GLY B 69 -11.29 -5.20 -9.63
CA GLY B 69 -10.70 -4.01 -10.21
C GLY B 69 -10.42 -4.15 -11.70
N GLU B 70 -10.04 -5.36 -12.14
CA GLU B 70 -9.76 -5.58 -13.56
C GLU B 70 -11.03 -5.69 -14.39
N VAL B 71 -12.11 -6.22 -13.81
CA VAL B 71 -13.37 -6.22 -14.52
C VAL B 71 -13.88 -4.80 -14.70
N GLU B 72 -13.74 -3.97 -13.65
CA GLU B 72 -14.16 -2.57 -13.75
C GLU B 72 -13.32 -1.81 -14.79
N ARG B 73 -12.04 -2.14 -14.94
CA ARG B 73 -11.21 -1.49 -15.96
C ARG B 73 -11.65 -1.90 -17.36
N ARG B 74 -11.96 -3.18 -17.56
CA ARG B 74 -12.36 -3.64 -18.88
C ARG B 74 -13.78 -3.26 -19.21
N PHE B 75 -14.65 -3.16 -18.21
CA PHE B 75 -16.07 -2.86 -18.42
C PHE B 75 -16.51 -1.88 -17.33
N PRO B 76 -16.25 -0.58 -17.53
CA PRO B 76 -16.64 0.41 -16.53
C PRO B 76 -18.13 0.30 -16.20
N GLY B 77 -18.45 0.57 -14.94
CA GLY B 77 -19.80 0.39 -14.45
C GLY B 77 -20.10 -1.00 -13.91
N SER B 78 -19.22 -1.98 -14.15
CA SER B 78 -19.45 -3.32 -13.63
C SER B 78 -19.69 -3.33 -12.13
N LEU B 79 -19.16 -2.34 -11.41
CA LEU B 79 -19.20 -2.34 -9.95
C LEU B 79 -20.17 -1.31 -9.37
N ALA B 80 -21.17 -0.88 -10.14
CA ALA B 80 -22.15 0.07 -9.60
C ALA B 80 -22.87 -0.53 -8.40
N ALA B 81 -23.44 0.36 -7.57
CA ALA B 81 -24.18 -0.08 -6.40
C ALA B 81 -25.21 -1.14 -6.78
N VAL B 82 -25.44 -2.08 -5.86
CA VAL B 82 -26.11 -3.32 -6.23
C VAL B 82 -27.57 -3.09 -6.57
N ASP B 83 -28.31 -2.44 -5.66
CA ASP B 83 -29.70 -2.01 -5.90
C ASP B 83 -30.59 -3.18 -6.28
N GLN B 84 -30.55 -4.23 -5.47
CA GLN B 84 -31.30 -5.44 -5.78
C GLN B 84 -31.60 -6.18 -4.49
N ASP B 85 -32.34 -7.28 -4.64
CA ASP B 85 -32.54 -8.18 -3.52
C ASP B 85 -31.26 -8.97 -3.22
N GLY B 86 -30.44 -9.22 -4.24
CA GLY B 86 -29.23 -9.99 -4.07
C GLY B 86 -28.09 -9.58 -4.99
N PRO B 87 -27.02 -10.38 -4.99
CA PRO B 87 -25.86 -10.07 -5.83
C PRO B 87 -26.23 -10.04 -7.31
N ARG B 88 -25.52 -9.21 -8.06
CA ARG B 88 -25.74 -9.04 -9.48
C ARG B 88 -24.61 -9.71 -10.23
N GLU B 89 -24.95 -10.58 -11.17
CA GLU B 89 -23.92 -11.32 -11.89
C GLU B 89 -23.13 -10.38 -12.79
N LEU B 90 -21.83 -10.62 -12.87
CA LEU B 90 -20.95 -9.87 -13.76
C LEU B 90 -21.07 -10.43 -15.16
N GLN B 91 -21.70 -9.67 -16.06
CA GLN B 91 -21.87 -10.07 -17.46
C GLN B 91 -21.63 -8.86 -18.35
N PRO B 92 -20.50 -8.83 -19.06
CA PRO B 92 -19.45 -9.85 -19.09
C PRO B 92 -18.58 -9.91 -17.82
N ALA B 93 -17.87 -11.01 -17.63
CA ALA B 93 -16.91 -11.17 -16.56
C ALA B 93 -15.51 -11.23 -17.17
N LEU B 94 -14.57 -11.87 -16.48
CA LEU B 94 -13.23 -12.09 -16.99
C LEU B 94 -12.76 -13.45 -16.50
N PRO B 95 -11.73 -14.01 -17.11
CA PRO B 95 -11.18 -15.26 -16.57
C PRO B 95 -10.50 -15.00 -15.22
N GLY B 96 -10.50 -16.03 -14.38
CA GLY B 96 -9.93 -15.91 -13.05
C GLY B 96 -8.49 -15.45 -13.04
N SER B 97 -7.75 -15.71 -14.11
CA SER B 97 -6.36 -15.28 -14.18
C SER B 97 -6.21 -13.77 -14.01
N ALA B 98 -7.28 -13.01 -14.25
CA ALA B 98 -7.23 -11.56 -14.07
C ALA B 98 -6.94 -11.16 -12.63
N GLY B 99 -7.41 -11.94 -11.65
CA GLY B 99 -7.16 -11.66 -10.26
C GLY B 99 -5.96 -12.36 -9.64
N VAL B 100 -5.15 -13.08 -10.42
CA VAL B 100 -4.05 -13.83 -9.85
C VAL B 100 -2.85 -12.91 -9.68
N THR B 101 -2.27 -12.90 -8.48
CA THR B 101 -1.18 -12.00 -8.15
C THR B 101 0.04 -12.79 -7.71
N VAL B 102 1.17 -12.11 -7.71
CA VAL B 102 2.38 -12.60 -7.06
C VAL B 102 2.72 -11.62 -5.96
N GLU B 103 2.98 -12.13 -4.77
CA GLU B 103 3.15 -11.33 -3.58
C GLU B 103 4.25 -11.95 -2.74
N LEU B 104 4.66 -11.19 -1.72
CA LEU B 104 5.43 -11.79 -0.63
C LEU B 104 4.47 -12.56 0.26
N CYS B 105 5.00 -13.60 0.91
CA CYS B 105 4.31 -14.24 2.01
C CYS B 105 3.88 -13.18 3.01
N ALA B 106 2.63 -13.25 3.48
CA ALA B 106 2.09 -12.17 4.30
C ALA B 106 0.88 -12.65 5.09
N GLY B 107 0.59 -11.93 6.17
CA GLY B 107 -0.61 -12.18 6.95
C GLY B 107 -1.00 -11.02 7.84
N LEU B 108 -2.28 -11.00 8.22
CA LEU B 108 -2.79 -9.97 9.11
C LEU B 108 -2.35 -10.22 10.55
N VAL B 109 -2.19 -9.12 11.29
CA VAL B 109 -1.97 -9.17 12.74
C VAL B 109 -3.34 -9.02 13.37
N ASP B 110 -4.10 -10.12 13.41
CA ASP B 110 -5.48 -10.07 13.89
C ASP B 110 -5.76 -11.05 15.03
N GLN B 111 -4.76 -11.76 15.52
CA GLN B 111 -4.90 -12.80 16.53
C GLN B 111 -4.08 -12.45 17.77
N PRO B 112 -4.69 -12.34 18.95
CA PRO B 112 -3.87 -12.27 20.17
C PRO B 112 -2.97 -13.49 20.28
N GLY B 113 -1.86 -13.33 20.99
CA GLY B 113 -0.94 -14.39 21.30
C GLY B 113 0.37 -14.36 20.53
N LEU B 114 0.40 -13.72 19.36
CA LEU B 114 1.55 -13.80 18.48
C LEU B 114 2.16 -12.41 18.30
N SER B 115 3.47 -12.33 18.45
CA SER B 115 4.20 -11.13 18.05
C SER B 115 4.20 -11.00 16.53
N LEU B 116 4.69 -9.84 16.07
CA LEU B 116 4.88 -9.65 14.63
C LEU B 116 5.76 -10.75 14.05
N GLU B 117 6.89 -11.03 14.70
CA GLU B 117 7.82 -12.05 14.21
C GLU B 117 7.14 -13.40 14.15
N GLU B 118 6.28 -13.70 15.13
CA GLU B 118 5.63 -15.01 15.16
C GLU B 118 4.55 -15.12 14.09
N VAL B 119 3.82 -14.04 13.83
CA VAL B 119 2.88 -14.07 12.71
C VAL B 119 3.60 -14.38 11.41
N ALA B 120 4.79 -13.81 11.23
CA ALA B 120 5.53 -14.04 10.00
C ALA B 120 5.96 -15.50 9.88
N CYS B 121 6.45 -16.08 10.99
CA CYS B 121 6.81 -17.50 11.00
C CYS B 121 5.60 -18.37 10.74
N LYS B 122 4.46 -18.03 11.34
CA LYS B 122 3.25 -18.79 11.08
C LYS B 122 2.89 -18.74 9.61
N GLU B 123 2.92 -17.55 9.00
CA GLU B 123 2.56 -17.47 7.59
C GLU B 123 3.58 -18.19 6.71
N ALA B 124 4.87 -18.06 7.03
CA ALA B 124 5.88 -18.72 6.22
C ALA B 124 5.69 -20.24 6.22
N TRP B 125 5.28 -20.77 7.38
CA TRP B 125 4.98 -22.19 7.46
C TRP B 125 3.74 -22.54 6.65
N GLU B 126 2.61 -21.89 6.95
CA GLU B 126 1.34 -22.32 6.36
C GLU B 126 1.30 -22.03 4.87
N GLU B 127 1.85 -20.91 4.43
CA GLU B 127 1.80 -20.57 3.02
C GLU B 127 2.96 -21.16 2.22
N CYS B 128 4.15 -21.23 2.80
CA CYS B 128 5.32 -21.60 2.02
C CYS B 128 5.97 -22.90 2.46
N GLY B 129 5.54 -23.50 3.55
CA GLY B 129 6.14 -24.74 4.01
C GLY B 129 7.55 -24.60 4.57
N TYR B 130 7.96 -23.41 4.97
CA TYR B 130 9.24 -23.20 5.62
C TYR B 130 9.04 -23.00 7.11
N HIS B 131 9.89 -23.66 7.89
CA HIS B 131 9.92 -23.54 9.34
C HIS B 131 10.98 -22.52 9.72
N LEU B 132 10.55 -21.41 10.32
CA LEU B 132 11.39 -20.28 10.70
C LEU B 132 11.33 -20.05 12.20
N ALA B 133 12.36 -19.43 12.72
CA ALA B 133 12.28 -19.01 14.11
C ALA B 133 12.26 -17.50 14.19
N PRO B 134 11.53 -16.90 15.14
CA PRO B 134 11.54 -15.42 15.27
C PRO B 134 12.93 -14.81 15.22
N SER B 135 13.91 -15.44 15.89
CA SER B 135 15.28 -14.90 15.92
C SER B 135 15.97 -14.99 14.56
N ASP B 136 15.49 -15.82 13.63
CA ASP B 136 15.99 -15.89 12.26
C ASP B 136 15.60 -14.67 11.42
N LEU B 137 14.71 -13.81 11.90
CA LEU B 137 14.13 -12.76 11.06
C LEU B 137 14.87 -11.45 11.25
N ARG B 138 15.17 -10.78 10.14
CA ARG B 138 15.64 -9.39 10.14
C ARG B 138 14.49 -8.48 9.69
N ARG B 139 14.20 -7.44 10.48
CA ARG B 139 13.24 -6.43 10.07
C ARG B 139 13.87 -5.56 8.98
N VAL B 140 13.22 -5.49 7.82
CA VAL B 140 13.74 -4.70 6.71
C VAL B 140 13.14 -3.30 6.68
N ALA B 141 11.86 -3.18 7.00
CA ALA B 141 11.15 -1.92 6.80
C ALA B 141 9.82 -2.00 7.52
N THR B 142 9.42 -0.87 8.10
CA THR B 142 8.10 -0.69 8.68
C THR B 142 7.52 0.57 8.06
N TYR B 143 6.28 0.51 7.62
CA TYR B 143 5.74 1.63 6.85
C TYR B 143 4.23 1.58 6.91
N TRP B 144 3.62 2.64 6.39
CA TRP B 144 2.18 2.74 6.34
C TRP B 144 1.77 2.49 4.91
N SER B 145 0.88 1.52 4.71
CA SER B 145 0.30 1.22 3.41
C SER B 145 -1.06 1.87 3.35
N GLY B 146 -1.39 2.48 2.21
CA GLY B 146 -2.68 3.11 2.07
C GLY B 146 -2.98 4.16 3.12
N VAL B 147 -2.13 5.19 3.17
CA VAL B 147 -2.32 6.29 4.12
C VAL B 147 -3.56 7.14 3.83
N GLY B 148 -4.18 6.99 2.67
CA GLY B 148 -5.36 7.78 2.37
C GLY B 148 -6.64 7.21 2.93
N LEU B 149 -6.75 5.88 2.96
CA LEU B 149 -7.99 5.23 3.35
C LEU B 149 -7.86 4.24 4.49
N THR B 150 -6.65 3.88 4.93
CA THR B 150 -6.61 2.81 5.92
C THR B 150 -5.69 3.07 7.11
N GLY B 151 -4.57 3.73 6.90
CA GLY B 151 -3.64 3.94 7.99
C GLY B 151 -3.03 2.72 8.68
N SER B 152 -3.24 1.52 8.15
CA SER B 152 -2.68 0.35 8.81
C SER B 152 -1.19 0.24 8.51
N ARG B 153 -0.48 -0.40 9.42
CA ARG B 153 0.97 -0.54 9.37
C ARG B 153 1.35 -1.91 8.85
N GLN B 154 2.45 -1.96 8.10
CA GLN B 154 2.96 -3.22 7.59
C GLN B 154 4.46 -3.29 7.86
N THR B 155 4.90 -4.43 8.41
CA THR B 155 6.28 -4.70 8.75
C THR B 155 6.81 -5.82 7.84
N MET B 156 7.91 -5.55 7.16
CA MET B 156 8.54 -6.49 6.26
C MET B 156 9.77 -7.10 6.90
N PHE B 157 9.83 -8.43 6.95
CA PHE B 157 10.98 -9.16 7.45
C PHE B 157 11.69 -9.86 6.30
N TYR B 158 12.96 -10.12 6.51
CA TYR B 158 13.79 -10.88 5.57
C TYR B 158 14.47 -12.00 6.33
N THR B 159 14.60 -13.16 5.70
CA THR B 159 15.34 -14.24 6.36
C THR B 159 15.89 -15.19 5.31
N GLU B 160 16.97 -15.86 5.69
CA GLU B 160 17.70 -16.76 4.80
C GLU B 160 17.41 -18.19 5.24
N VAL B 161 17.00 -19.03 4.29
CA VAL B 161 16.61 -20.41 4.59
C VAL B 161 17.35 -21.36 3.66
N THR B 162 17.30 -22.63 4.00
CA THR B 162 17.73 -23.70 3.09
C THR B 162 16.62 -24.74 2.99
N ASP B 163 16.87 -25.73 2.13
CA ASP B 163 15.95 -26.84 1.97
C ASP B 163 15.73 -27.60 3.27
N ALA B 164 16.70 -27.56 4.20
CA ALA B 164 16.54 -28.23 5.49
C ALA B 164 15.43 -27.61 6.32
N GLN B 165 15.00 -26.41 5.98
CA GLN B 165 13.91 -25.75 6.69
C GLN B 165 12.57 -25.98 6.02
N ARG B 166 12.56 -26.58 4.83
CA ARG B 166 11.35 -26.77 4.04
C ARG B 166 10.78 -28.12 4.46
N SER B 167 10.15 -28.12 5.64
CA SER B 167 9.66 -29.35 6.26
C SER B 167 8.17 -29.57 6.05
N GLY B 168 7.46 -28.63 5.44
CA GLY B 168 6.06 -28.77 5.13
C GLY B 168 5.75 -28.47 3.67
N PRO B 169 4.49 -28.77 3.26
CA PRO B 169 4.11 -28.52 1.86
C PRO B 169 3.69 -27.08 1.60
N GLY B 170 3.11 -26.44 2.62
CA GLY B 170 2.58 -25.11 2.42
C GLY B 170 1.30 -25.16 1.58
N GLY B 171 1.07 -24.06 0.85
CA GLY B 171 -0.13 -23.93 0.04
C GLY B 171 -1.37 -23.46 0.77
N GLY B 172 -1.25 -23.00 2.02
CA GLY B 172 -2.38 -22.47 2.75
C GLY B 172 -3.09 -23.51 3.60
N LEU B 173 -4.35 -23.22 3.89
CA LEU B 173 -5.20 -24.04 4.76
C LEU B 173 -6.55 -24.28 4.11
N VAL B 174 -7.27 -25.28 4.62
CA VAL B 174 -8.62 -25.61 4.15
C VAL B 174 -9.62 -25.61 5.32
N LEU B 179 -6.08 -21.75 -1.53
CA LEU B 179 -5.29 -22.23 -2.66
C LEU B 179 -4.16 -21.24 -2.99
N ILE B 180 -3.03 -21.42 -2.33
CA ILE B 180 -1.85 -20.58 -2.55
C ILE B 180 -0.79 -21.46 -3.18
N GLU B 181 -0.12 -20.94 -4.21
CA GLU B 181 1.02 -21.61 -4.83
C GLU B 181 2.31 -20.94 -4.40
N VAL B 182 3.32 -21.74 -4.10
CA VAL B 182 4.63 -21.21 -3.75
C VAL B 182 5.44 -21.04 -5.02
N VAL B 183 6.02 -19.85 -5.17
CA VAL B 183 6.84 -19.53 -6.33
C VAL B 183 8.28 -19.39 -5.86
N HIS B 184 9.19 -20.07 -6.54
CA HIS B 184 10.62 -19.93 -6.28
C HIS B 184 11.23 -19.18 -7.45
N LEU B 185 11.68 -17.96 -7.20
CA LEU B 185 12.16 -17.11 -8.26
C LEU B 185 13.69 -17.16 -8.28
N PRO B 186 14.31 -17.77 -9.29
CA PRO B 186 15.79 -17.80 -9.34
C PRO B 186 16.35 -16.38 -9.37
N LEU B 187 17.49 -16.20 -8.69
CA LEU B 187 18.09 -14.86 -8.58
C LEU B 187 18.39 -14.25 -9.94
N GLU B 188 18.76 -15.08 -10.91
CA GLU B 188 19.23 -14.58 -12.20
C GLU B 188 18.11 -13.93 -12.99
N GLY B 189 16.88 -14.40 -12.82
CA GLY B 189 15.72 -13.79 -13.45
C GLY B 189 14.93 -12.85 -12.59
N ALA B 190 15.39 -12.56 -11.37
CA ALA B 190 14.58 -11.81 -10.42
C ALA B 190 14.23 -10.42 -10.94
N GLN B 191 15.24 -9.64 -11.34
CA GLN B 191 14.98 -8.26 -11.76
C GLN B 191 14.04 -8.22 -12.96
N ALA B 192 14.27 -9.09 -13.95
CA ALA B 192 13.38 -9.18 -15.10
C ALA B 192 11.95 -9.52 -14.68
N PHE B 193 11.81 -10.46 -13.74
CA PHE B 193 10.49 -10.79 -13.20
C PHE B 193 9.81 -9.56 -12.62
N ALA B 194 10.52 -8.79 -11.80
CA ALA B 194 9.91 -7.62 -11.17
C ALA B 194 9.48 -6.60 -12.23
N ASP B 195 10.30 -6.42 -13.26
CA ASP B 195 10.05 -5.40 -14.28
C ASP B 195 8.95 -5.80 -15.25
N ASP B 196 8.72 -7.09 -15.43
CA ASP B 196 7.70 -7.62 -16.32
C ASP B 196 6.34 -7.03 -15.99
N PRO B 197 5.81 -6.11 -16.81
CA PRO B 197 4.52 -5.48 -16.49
C PRO B 197 3.35 -6.39 -16.73
N ASP B 198 3.57 -7.56 -17.34
CA ASP B 198 2.49 -8.51 -17.52
C ASP B 198 2.27 -9.39 -16.29
N ILE B 199 3.16 -9.33 -15.31
CA ILE B 199 3.04 -10.13 -14.09
C ILE B 199 2.36 -9.26 -13.03
N PRO B 200 1.15 -9.58 -12.61
CA PRO B 200 0.48 -8.74 -11.62
C PRO B 200 1.12 -8.92 -10.25
N LYS B 201 1.75 -7.89 -9.73
CA LYS B 201 2.51 -8.02 -8.49
C LYS B 201 2.39 -6.75 -7.67
N THR B 202 2.91 -6.82 -6.45
CA THR B 202 2.76 -5.77 -5.46
C THR B 202 4.04 -4.96 -5.35
N LEU B 203 3.92 -3.79 -4.72
CA LEU B 203 5.11 -2.99 -4.42
C LEU B 203 6.03 -3.74 -3.45
N GLY B 204 5.48 -4.53 -2.55
CA GLY B 204 6.31 -5.32 -1.67
C GLY B 204 7.21 -6.27 -2.43
N VAL B 205 6.69 -6.91 -3.47
CA VAL B 205 7.54 -7.76 -4.30
C VAL B 205 8.61 -6.93 -5.00
N ILE B 206 8.21 -5.80 -5.59
CA ILE B 206 9.15 -4.98 -6.35
C ILE B 206 10.25 -4.44 -5.44
N PHE B 207 9.86 -3.96 -4.26
CA PHE B 207 10.86 -3.50 -3.30
C PHE B 207 11.71 -4.66 -2.77
N GLY B 208 11.09 -5.80 -2.45
CA GLY B 208 11.86 -6.97 -1.99
C GLY B 208 12.93 -7.40 -2.98
N VAL B 209 12.57 -7.51 -4.26
CA VAL B 209 13.57 -7.91 -5.25
C VAL B 209 14.64 -6.84 -5.40
N SER B 210 14.25 -5.58 -5.44
CA SER B 210 15.22 -4.50 -5.58
C SER B 210 16.14 -4.43 -4.37
N TRP B 211 15.58 -4.46 -3.17
CA TRP B 211 16.38 -4.50 -1.95
C TRP B 211 17.33 -5.69 -1.93
N PHE B 212 16.82 -6.89 -2.25
CA PHE B 212 17.69 -8.06 -2.17
C PHE B 212 18.84 -7.94 -3.17
N LEU B 213 18.54 -7.51 -4.40
CA LEU B 213 19.57 -7.48 -5.44
C LEU B 213 20.61 -6.41 -5.17
N SER B 214 20.28 -5.36 -4.44
CA SER B 214 21.29 -4.33 -4.20
C SER B 214 21.91 -4.41 -2.82
N GLN B 215 21.23 -4.99 -1.83
CA GLN B 215 21.78 -5.02 -0.47
C GLN B 215 22.35 -6.36 -0.06
N VAL B 216 21.89 -7.47 -0.64
CA VAL B 216 22.31 -8.81 -0.25
C VAL B 216 23.11 -9.48 -1.36
N ALA B 217 22.55 -9.55 -2.57
CA ALA B 217 23.16 -10.32 -3.65
C ALA B 217 24.62 -9.96 -3.95
N PRO B 218 25.05 -8.69 -3.93
CA PRO B 218 26.46 -8.41 -4.29
C PRO B 218 27.46 -8.93 -3.26
N ASN B 219 27.05 -9.17 -2.03
CA ASN B 219 27.96 -9.66 -1.01
C ASN B 219 27.85 -11.17 -0.79
N LEU B 220 27.05 -11.88 -1.57
CA LEU B 220 26.99 -13.33 -1.43
C LEU B 220 28.24 -13.98 -2.04
N ASP B 221 28.56 -15.17 -1.52
CA ASP B 221 29.64 -16.00 -2.05
C ASP B 221 31.00 -15.31 -1.97
#